data_9RE1
#
_entry.id   9RE1
#
_cell.length_a   51.826
_cell.length_b   71.964
_cell.length_c   98.391
_cell.angle_alpha   90.000
_cell.angle_beta   90.000
_cell.angle_gamma   90.000
#
_symmetry.space_group_name_H-M   'P 21 21 21'
#
loop_
_entity.id
_entity.type
_entity.pdbx_description
1 polymer 'cAMP-dependent protein kinase catalytic subunit alpha'
2 non-polymer DI(HYDROXYETHYL)ETHER
3 non-polymer 1-[4-[(1~{S},2~{S},3~{S},4~{R},5~{R})-2-azanyl-3-oxidanyl-6,8-dioxabicyclo[3.2.1]octan-4-yl]piperazin-1-yl]ethanone
4 non-polymer 'DIMETHYL SULFOXIDE'
5 water water
#
_entity_poly.entity_id   1
_entity_poly.type   'polypeptide(L)'
_entity_poly.pdbx_seq_one_letter_code
;GHMGNAAAAKKGSEQESVKEFLAKAKEEFLKKWESPSQNTAQLDHFDRIKTLGTGSFGRVMLVKHKETGNHYAMKILDKQ
KVVKLKQIEHTLNEKRILQAVNFPFLVKLEFSFKDNSNLYMVMEYVPGGEMFSHLRRIGRF(SEP)EPHARFYAAQIVLT
FEYLHSLDLIYRDLKPENLLIDQQGYIQVTDFGFAKRVKGRTW(TPO)LCGTPEYLAPEIILSKGYNKAVDWWALGVLIY
EMAAGYPPFFADQPIQIYEKIVSGKVRFPSHFSSDLKDLLRNLLQVDLTKRFGNLKNGVNDIKNHKWFATTDWIAIYQRK
VEAPFIPKFKGPGDTSNFDDYEEEEIRV(SEP)INEKCGKEFTEF
;
_entity_poly.pdbx_strand_id   A
#
loop_
_chem_comp.id
_chem_comp.type
_chem_comp.name
_chem_comp.formula
A1JE2 non-polymer 1-[4-[(1~{S},2~{S},3~{S},4~{R},5~{R})-2-azanyl-3-oxidanyl-6,8-dioxabicyclo[3.2.1]octan-4-yl]piperazin-1-yl]ethanone 'C12 H21 N3 O4'
DMS non-polymer 'DIMETHYL SULFOXIDE' 'C2 H6 O S'
PEG non-polymer DI(HYDROXYETHYL)ETHER 'C4 H10 O3'
#
# COMPACT_ATOMS: atom_id res chain seq x y z
N GLU A 14 -9.20 13.62 21.51
CA GLU A 14 -7.97 12.92 21.16
C GLU A 14 -6.89 13.08 22.22
N GLN A 15 -6.06 12.05 22.37
CA GLN A 15 -4.95 12.13 23.30
C GLN A 15 -3.96 13.20 22.85
N GLU A 16 -3.41 13.93 23.82
CA GLU A 16 -2.45 15.00 23.50
C GLU A 16 -1.29 14.45 22.68
N SER A 17 -0.86 13.23 22.98
CA SER A 17 0.28 12.66 22.27
C SER A 17 -0.05 12.47 20.80
N VAL A 18 -1.23 11.93 20.50
CA VAL A 18 -1.64 11.72 19.12
C VAL A 18 -1.81 13.06 18.40
N LYS A 19 -2.49 14.00 19.05
CA LYS A 19 -2.74 15.31 18.45
C LYS A 19 -1.45 16.02 18.09
N GLU A 20 -0.51 16.11 19.04
N GLU A 20 -0.50 16.10 19.02
CA GLU A 20 0.76 16.76 18.78
CA GLU A 20 0.73 16.80 18.71
C GLU A 20 1.56 16.01 17.72
C GLU A 20 1.63 16.02 17.75
N PHE A 21 1.54 14.68 17.77
CA PHE A 21 2.26 13.88 16.77
C PHE A 21 1.74 14.17 15.37
N LEU A 22 0.43 14.15 15.19
CA LEU A 22 -0.12 14.34 13.84
C LEU A 22 0.05 15.78 13.37
N ALA A 23 0.02 16.76 14.28
CA ALA A 23 0.29 18.16 13.89
C ALA A 23 1.70 18.30 13.35
N LYS A 24 2.68 17.72 14.04
CA LYS A 24 4.06 17.74 13.54
C LYS A 24 4.20 16.93 12.25
N ALA A 25 3.55 15.77 12.17
CA ALA A 25 3.61 14.99 10.95
C ALA A 25 3.13 15.80 9.74
N LYS A 26 2.07 16.58 9.91
CA LYS A 26 1.54 17.34 8.80
C LYS A 26 2.46 18.48 8.41
N GLU A 27 3.04 19.17 9.41
CA GLU A 27 4.00 20.23 9.14
C GLU A 27 5.16 19.71 8.30
N GLU A 28 5.70 18.54 8.68
CA GLU A 28 6.87 18.00 8.00
C GLU A 28 6.51 17.52 6.60
N PHE A 29 5.35 16.88 6.45
CA PHE A 29 4.88 16.49 5.13
C PHE A 29 4.71 17.69 4.21
N LEU A 30 4.06 18.76 4.70
CA LEU A 30 3.80 19.92 3.85
C LEU A 30 5.08 20.57 3.35
N LYS A 31 6.12 20.64 4.18
CA LYS A 31 7.35 21.26 3.71
C LYS A 31 7.96 20.51 2.52
N LYS A 32 7.97 19.19 2.57
CA LYS A 32 8.49 18.41 1.44
C LYS A 32 7.51 18.39 0.27
N TRP A 33 6.21 18.39 0.55
CA TRP A 33 5.21 18.44 -0.51
C TRP A 33 5.37 19.70 -1.36
N GLU A 34 5.61 20.83 -0.71
CA GLU A 34 5.71 22.10 -1.42
C GLU A 34 7.02 22.26 -2.17
N SER A 35 8.08 21.54 -1.78
N SER A 35 8.09 21.56 -1.78
CA SER A 35 9.39 21.64 -2.44
CA SER A 35 9.38 21.64 -2.46
C SER A 35 9.97 20.25 -2.65
C SER A 35 9.95 20.25 -2.64
N PRO A 36 9.47 19.52 -3.65
CA PRO A 36 9.87 18.10 -3.78
C PRO A 36 11.31 17.92 -4.23
N SER A 37 11.93 16.85 -3.72
N SER A 37 11.92 16.85 -3.72
CA SER A 37 13.26 16.48 -4.19
CA SER A 37 13.24 16.43 -4.19
C SER A 37 13.18 15.91 -5.60
C SER A 37 13.16 15.89 -5.61
N GLN A 38 14.22 16.15 -6.39
CA GLN A 38 14.28 15.70 -7.77
C GLN A 38 15.71 15.32 -8.10
N ASN A 39 15.86 14.30 -8.96
CA ASN A 39 17.11 14.05 -9.69
C ASN A 39 18.26 13.75 -8.72
N THR A 40 18.05 12.79 -7.83
CA THR A 40 18.99 12.52 -6.76
C THR A 40 19.89 11.31 -7.01
N ALA A 41 19.80 10.65 -8.16
CA ALA A 41 20.77 9.61 -8.54
C ALA A 41 20.74 9.49 -10.06
N GLN A 42 21.45 8.50 -10.60
CA GLN A 42 21.32 8.18 -12.02
C GLN A 42 21.51 6.69 -12.24
N LEU A 43 21.09 6.20 -13.41
CA LEU A 43 20.97 4.75 -13.60
C LEU A 43 22.32 4.03 -13.50
N ASP A 44 23.37 4.62 -14.09
CA ASP A 44 24.66 3.92 -14.08
C ASP A 44 25.37 3.99 -12.73
N HIS A 45 24.72 4.51 -11.67
CA HIS A 45 25.22 4.35 -10.31
C HIS A 45 24.89 2.98 -9.72
N PHE A 46 24.11 2.16 -10.43
CA PHE A 46 23.60 0.90 -9.90
C PHE A 46 23.90 -0.24 -10.86
N ASP A 47 24.10 -1.43 -10.29
CA ASP A 47 24.12 -2.69 -11.02
C ASP A 47 22.74 -3.34 -10.90
N ARG A 48 22.23 -3.87 -12.01
CA ARG A 48 20.95 -4.59 -12.04
C ARG A 48 21.20 -6.04 -11.64
N ILE A 49 20.36 -6.57 -10.75
N ILE A 49 20.37 -6.56 -10.74
CA ILE A 49 20.50 -7.93 -10.22
CA ILE A 49 20.50 -7.93 -10.23
C ILE A 49 19.40 -8.86 -10.71
C ILE A 49 19.39 -8.83 -10.78
N LYS A 50 18.13 -8.49 -10.52
CA LYS A 50 17.04 -9.43 -10.80
C LYS A 50 15.71 -8.67 -10.86
N THR A 51 14.78 -9.15 -11.67
CA THR A 51 13.43 -8.57 -11.65
C THR A 51 12.63 -9.14 -10.48
N LEU A 52 12.06 -8.25 -9.65
CA LEU A 52 11.29 -8.67 -8.48
C LEU A 52 9.79 -8.70 -8.72
N GLY A 53 9.32 -8.03 -9.75
CA GLY A 53 7.91 -8.03 -10.06
C GLY A 53 7.64 -7.15 -11.26
N THR A 54 6.46 -7.35 -11.82
CA THR A 54 6.05 -6.57 -12.98
C THR A 54 4.57 -6.23 -12.86
N GLY A 55 4.16 -5.26 -13.66
CA GLY A 55 2.77 -4.94 -13.77
C GLY A 55 2.56 -4.00 -14.93
N SER A 56 1.33 -3.51 -15.08
CA SER A 56 1.10 -2.49 -16.10
C SER A 56 1.99 -1.28 -15.86
N PHE A 57 2.40 -1.03 -14.61
CA PHE A 57 3.23 0.14 -14.29
C PHE A 57 4.64 0.03 -14.87
N GLY A 58 5.08 -1.15 -15.26
CA GLY A 58 6.48 -1.31 -15.57
C GLY A 58 7.03 -2.48 -14.79
N ARG A 59 8.19 -2.31 -14.15
CA ARG A 59 8.87 -3.39 -13.46
C ARG A 59 9.54 -2.87 -12.21
N VAL A 60 9.81 -3.78 -11.28
CA VAL A 60 10.64 -3.48 -10.13
C VAL A 60 11.85 -4.40 -10.17
N MET A 61 13.05 -3.83 -10.09
N MET A 61 13.03 -3.81 -10.06
CA MET A 61 14.28 -4.61 -10.12
CA MET A 61 14.29 -4.53 -10.07
C MET A 61 15.08 -4.45 -8.84
C MET A 61 14.94 -4.48 -8.70
N LEU A 62 15.66 -5.54 -8.35
CA LEU A 62 16.66 -5.46 -7.31
C LEU A 62 17.95 -4.91 -7.93
N VAL A 63 18.51 -3.86 -7.32
CA VAL A 63 19.73 -3.24 -7.80
C VAL A 63 20.70 -3.11 -6.62
N LYS A 64 21.98 -2.93 -6.95
CA LYS A 64 23.01 -2.72 -5.95
C LYS A 64 23.76 -1.42 -6.29
N HIS A 65 23.87 -0.51 -5.33
CA HIS A 65 24.61 0.73 -5.57
C HIS A 65 26.10 0.41 -5.68
N LYS A 66 26.74 0.92 -6.74
N LYS A 66 26.74 0.94 -6.73
CA LYS A 66 28.08 0.46 -7.07
CA LYS A 66 28.09 0.52 -7.10
C LYS A 66 29.11 0.91 -6.03
C LYS A 66 29.18 1.05 -6.18
N GLU A 67 28.92 2.10 -5.44
N GLU A 67 28.88 2.05 -5.34
CA GLU A 67 29.86 2.59 -4.44
CA GLU A 67 29.85 2.64 -4.44
C GLU A 67 29.59 2.00 -3.05
C GLU A 67 29.62 2.31 -2.98
N THR A 68 28.37 2.17 -2.55
CA THR A 68 28.09 1.77 -1.16
C THR A 68 27.85 0.28 -1.00
N GLY A 69 27.44 -0.41 -2.06
CA GLY A 69 27.06 -1.80 -1.97
C GLY A 69 25.65 -2.03 -1.44
N ASN A 70 24.89 -0.97 -1.17
CA ASN A 70 23.54 -1.17 -0.61
C ASN A 70 22.58 -1.68 -1.68
N HIS A 71 21.63 -2.50 -1.27
CA HIS A 71 20.60 -3.01 -2.18
C HIS A 71 19.36 -2.13 -2.10
N TYR A 72 18.68 -2.00 -3.22
CA TYR A 72 17.44 -1.23 -3.34
C TYR A 72 16.49 -1.93 -4.29
N ALA A 73 15.20 -1.64 -4.14
CA ALA A 73 14.20 -2.01 -5.14
C ALA A 73 13.93 -0.79 -6.03
N MET A 74 14.20 -0.91 -7.31
CA MET A 74 14.10 0.22 -8.25
C MET A 74 12.88 -0.01 -9.11
N LYS A 75 11.88 0.86 -8.96
CA LYS A 75 10.67 0.82 -9.78
C LYS A 75 10.93 1.63 -11.04
N ILE A 76 10.76 1.01 -12.20
CA ILE A 76 11.08 1.63 -13.49
C ILE A 76 9.79 1.73 -14.29
N LEU A 77 9.40 2.95 -14.66
CA LEU A 77 8.20 3.19 -15.47
C LEU A 77 8.60 3.72 -16.84
N ASP A 78 8.00 3.16 -17.89
CA ASP A 78 8.24 3.64 -19.25
C ASP A 78 7.33 4.84 -19.51
N LYS A 79 7.92 6.02 -19.75
CA LYS A 79 7.11 7.24 -19.92
C LYS A 79 6.06 7.10 -21.02
N GLN A 80 6.43 6.51 -22.16
CA GLN A 80 5.46 6.38 -23.25
C GLN A 80 4.29 5.49 -22.85
N LYS A 81 4.57 4.44 -22.08
N LYS A 81 4.56 4.43 -22.08
CA LYS A 81 3.49 3.54 -21.64
CA LYS A 81 3.48 3.55 -21.65
C LYS A 81 2.62 4.20 -20.58
C LYS A 81 2.62 4.21 -20.58
N VAL A 82 3.23 4.96 -19.66
CA VAL A 82 2.46 5.72 -18.67
C VAL A 82 1.47 6.64 -19.38
N VAL A 83 1.92 7.32 -20.44
CA VAL A 83 1.03 8.21 -21.20
C VAL A 83 -0.12 7.43 -21.83
N LYS A 84 0.20 6.32 -22.50
CA LYS A 84 -0.84 5.55 -23.19
C LYS A 84 -1.87 4.98 -22.21
N LEU A 85 -1.44 4.58 -21.02
CA LEU A 85 -2.36 4.04 -20.04
C LEU A 85 -3.07 5.11 -19.22
N LYS A 86 -2.82 6.38 -19.53
CA LYS A 86 -3.48 7.52 -18.90
C LYS A 86 -3.15 7.61 -17.41
N GLN A 87 -1.90 7.30 -17.07
CA GLN A 87 -1.44 7.31 -15.68
C GLN A 87 -0.46 8.45 -15.38
N ILE A 88 -0.44 9.52 -16.18
CA ILE A 88 0.51 10.61 -15.92
C ILE A 88 0.30 11.21 -14.53
N GLU A 89 -0.92 11.69 -14.26
CA GLU A 89 -1.22 12.32 -12.98
C GLU A 89 -0.98 11.36 -11.83
N HIS A 90 -1.42 10.10 -11.98
CA HIS A 90 -1.22 9.14 -10.90
C HIS A 90 0.26 8.93 -10.61
N THR A 91 1.09 8.90 -11.66
CA THR A 91 2.53 8.68 -11.45
C THR A 91 3.19 9.90 -10.81
N LEU A 92 2.77 11.10 -11.19
CA LEU A 92 3.28 12.30 -10.52
C LEU A 92 2.82 12.35 -9.05
N ASN A 93 1.56 11.99 -8.76
CA ASN A 93 1.09 11.86 -7.37
C ASN A 93 1.99 10.91 -6.59
N GLU A 94 2.26 9.73 -7.17
CA GLU A 94 2.98 8.70 -6.46
C GLU A 94 4.35 9.20 -5.99
N LYS A 95 5.11 9.80 -6.89
CA LYS A 95 6.46 10.21 -6.52
C LYS A 95 6.43 11.40 -5.56
N ARG A 96 5.55 12.38 -5.81
CA ARG A 96 5.50 13.54 -4.92
C ARG A 96 5.09 13.15 -3.49
N ILE A 97 4.15 12.20 -3.35
CA ILE A 97 3.74 11.75 -2.03
C ILE A 97 4.87 10.95 -1.36
N LEU A 98 5.45 10.00 -2.10
CA LEU A 98 6.48 9.13 -1.50
C LEU A 98 7.66 9.93 -1.01
N GLN A 99 8.07 10.97 -1.74
CA GLN A 99 9.21 11.73 -1.28
C GLN A 99 8.88 12.61 -0.08
N ALA A 100 7.61 12.79 0.26
CA ALA A 100 7.21 13.67 1.36
C ALA A 100 6.77 12.97 2.64
N VAL A 101 6.47 11.65 2.61
CA VAL A 101 5.94 10.98 3.80
C VAL A 101 7.07 10.37 4.63
N ASN A 102 6.74 10.00 5.87
CA ASN A 102 7.72 9.43 6.80
C ASN A 102 6.92 8.75 7.91
N PHE A 103 6.92 7.42 7.92
CA PHE A 103 6.14 6.68 8.93
C PHE A 103 6.74 5.28 9.02
N PRO A 104 6.71 4.63 10.20
CA PRO A 104 7.45 3.36 10.34
C PRO A 104 7.01 2.25 9.38
N PHE A 105 5.76 2.24 8.93
CA PHE A 105 5.20 1.16 8.14
C PHE A 105 5.00 1.51 6.67
N LEU A 106 5.70 2.54 6.16
CA LEU A 106 5.68 2.92 4.75
C LEU A 106 7.06 2.67 4.13
N VAL A 107 7.08 2.19 2.89
N VAL A 107 7.08 2.10 2.92
CA VAL A 107 8.33 1.96 2.16
C VAL A 107 9.03 3.28 1.89
C VAL A 107 9.02 3.32 2.10
N LYS A 108 10.32 3.34 2.19
N LYS A 108 10.36 3.33 2.08
CA LYS A 108 11.11 4.55 2.10
CA LYS A 108 11.15 4.54 2.12
C LYS A 108 11.65 4.75 0.70
C LYS A 108 11.77 4.80 0.74
N LEU A 109 11.39 5.91 0.11
CA LEU A 109 11.98 6.31 -1.15
C LEU A 109 13.34 6.93 -0.88
N GLU A 110 14.40 6.36 -1.45
CA GLU A 110 15.75 6.86 -1.23
C GLU A 110 16.26 7.76 -2.35
N PHE A 111 15.93 7.48 -3.62
CA PHE A 111 16.35 8.31 -4.75
C PHE A 111 15.23 8.32 -5.78
N SER A 112 15.19 9.36 -6.60
CA SER A 112 14.35 9.35 -7.80
C SER A 112 15.07 10.12 -8.89
N PHE A 113 14.81 9.73 -10.15
CA PHE A 113 15.40 10.41 -11.30
C PHE A 113 14.66 9.95 -12.56
N LYS A 114 15.00 10.57 -13.67
CA LYS A 114 14.39 10.20 -14.95
C LYS A 114 15.44 10.30 -16.03
N ASP A 115 15.17 9.69 -17.17
CA ASP A 115 16.08 9.82 -18.32
C ASP A 115 15.24 9.95 -19.58
N ASN A 116 15.86 9.73 -20.74
CA ASN A 116 15.12 9.96 -21.99
C ASN A 116 13.86 9.11 -22.07
N SER A 117 13.87 7.89 -21.50
CA SER A 117 12.79 6.92 -21.67
C SER A 117 11.97 6.67 -20.41
N ASN A 118 12.58 6.66 -19.23
CA ASN A 118 11.96 6.06 -18.06
C ASN A 118 11.95 7.04 -16.89
N LEU A 119 11.10 6.72 -15.91
CA LEU A 119 11.07 7.32 -14.58
C LEU A 119 11.52 6.24 -13.60
N TYR A 120 12.25 6.64 -12.54
CA TYR A 120 12.82 5.68 -11.61
C TYR A 120 12.55 6.13 -10.18
N MET A 121 12.06 5.19 -9.36
CA MET A 121 11.89 5.41 -7.93
C MET A 121 12.66 4.32 -7.21
N VAL A 122 13.70 4.71 -6.47
CA VAL A 122 14.61 3.75 -5.83
C VAL A 122 14.27 3.71 -4.34
N MET A 123 13.79 2.56 -3.88
N MET A 123 13.75 2.56 -3.89
CA MET A 123 13.27 2.35 -2.53
CA MET A 123 13.28 2.38 -2.51
C MET A 123 14.16 1.39 -1.75
C MET A 123 14.19 1.43 -1.76
N GLU A 124 14.11 1.49 -0.42
CA GLU A 124 14.73 0.48 0.40
C GLU A 124 14.12 -0.88 0.07
N TYR A 125 14.96 -1.91 -0.04
CA TYR A 125 14.52 -3.25 -0.41
C TYR A 125 14.05 -4.01 0.83
N VAL A 126 12.88 -4.66 0.73
CA VAL A 126 12.29 -5.41 1.85
C VAL A 126 12.36 -6.90 1.52
N PRO A 127 13.34 -7.65 2.04
CA PRO A 127 13.60 -8.99 1.50
C PRO A 127 12.66 -10.08 1.99
N GLY A 128 11.77 -9.81 2.95
CA GLY A 128 10.84 -10.84 3.40
C GLY A 128 9.73 -11.16 2.43
N GLY A 129 9.53 -10.35 1.37
CA GLY A 129 8.50 -10.63 0.39
C GLY A 129 7.12 -10.09 0.74
N GLU A 130 6.15 -10.44 -0.09
CA GLU A 130 4.78 -9.96 0.04
C GLU A 130 4.00 -10.76 1.08
N MET A 131 3.14 -10.05 1.82
N MET A 131 3.14 -10.07 1.82
CA MET A 131 2.23 -10.76 2.72
CA MET A 131 2.25 -10.78 2.72
C MET A 131 1.43 -11.82 1.96
C MET A 131 1.40 -11.80 1.97
N PHE A 132 1.06 -11.51 0.71
CA PHE A 132 0.28 -12.45 -0.11
C PHE A 132 0.90 -13.85 -0.16
N SER A 133 2.22 -13.93 -0.40
N SER A 133 2.22 -13.93 -0.38
CA SER A 133 2.90 -15.22 -0.46
CA SER A 133 2.86 -15.23 -0.47
C SER A 133 2.77 -15.97 0.86
C SER A 133 2.81 -15.98 0.86
N HIS A 134 3.04 -15.28 1.98
CA HIS A 134 3.02 -15.95 3.27
C HIS A 134 1.61 -16.40 3.63
N LEU A 135 0.61 -15.57 3.30
CA LEU A 135 -0.79 -15.91 3.57
C LEU A 135 -1.20 -17.15 2.79
N ARG A 136 -0.85 -17.19 1.49
CA ARG A 136 -1.22 -18.35 0.68
C ARG A 136 -0.45 -19.60 1.11
N ARG A 137 0.78 -19.44 1.60
N ARG A 137 0.81 -19.43 1.52
CA ARG A 137 1.57 -20.58 2.03
CA ARG A 137 1.59 -20.55 2.06
C ARG A 137 1.05 -21.18 3.35
C ARG A 137 0.89 -21.16 3.28
N ILE A 138 0.67 -20.33 4.31
CA ILE A 138 0.16 -20.80 5.61
C ILE A 138 -1.32 -21.16 5.54
N GLY A 139 -2.07 -20.53 4.65
CA GLY A 139 -3.50 -20.78 4.48
C GLY A 139 -4.36 -19.64 5.01
N ARG A 140 -4.34 -19.47 6.33
CA ARG A 140 -4.93 -18.26 6.92
C ARG A 140 -4.10 -17.92 8.15
N PHE A 141 -4.21 -16.66 8.61
CA PHE A 141 -3.53 -16.23 9.82
C PHE A 141 -4.49 -16.35 11.01
N SEP A 142 -3.97 -16.74 12.17
CA SEP A 142 -4.79 -16.69 13.38
CB SEP A 142 -3.96 -17.21 14.56
OG SEP A 142 -2.95 -16.23 14.87
C SEP A 142 -5.26 -15.25 13.65
O SEP A 142 -4.69 -14.29 13.12
P SEP A 142 -1.80 -16.73 15.90
O1P SEP A 142 -1.03 -17.95 15.20
O2P SEP A 142 -0.77 -15.51 16.13
O3P SEP A 142 -2.45 -17.19 17.26
N GLU A 143 -6.25 -15.08 14.49
CA GLU A 143 -6.70 -13.72 14.79
C GLU A 143 -5.59 -12.84 15.39
N PRO A 144 -4.77 -13.35 16.32
CA PRO A 144 -3.70 -12.47 16.83
C PRO A 144 -2.73 -12.05 15.74
N HIS A 145 -2.41 -12.96 14.82
CA HIS A 145 -1.48 -12.66 13.73
C HIS A 145 -2.09 -11.62 12.79
N ALA A 146 -3.36 -11.82 12.38
CA ALA A 146 -4.06 -10.84 11.55
C ALA A 146 -4.13 -9.48 12.25
N ARG A 147 -4.40 -9.49 13.57
CA ARG A 147 -4.55 -8.27 14.35
C ARG A 147 -3.27 -7.45 14.42
N PHE A 148 -2.12 -8.13 14.55
CA PHE A 148 -0.82 -7.45 14.52
C PHE A 148 -0.63 -6.65 13.24
N TYR A 149 -0.91 -7.27 12.09
CA TYR A 149 -0.79 -6.56 10.82
C TYR A 149 -1.87 -5.47 10.70
N ALA A 150 -3.11 -5.78 11.08
CA ALA A 150 -4.21 -4.81 10.98
C ALA A 150 -3.90 -3.55 11.78
N ALA A 151 -3.35 -3.70 12.99
CA ALA A 151 -3.02 -2.54 13.81
C ALA A 151 -2.04 -1.61 13.10
N GLN A 152 -1.06 -2.18 12.39
CA GLN A 152 -0.11 -1.36 11.63
C GLN A 152 -0.81 -0.61 10.50
N ILE A 153 -1.77 -1.26 9.82
CA ILE A 153 -2.53 -0.56 8.78
C ILE A 153 -3.39 0.55 9.37
N VAL A 154 -4.05 0.30 10.52
CA VAL A 154 -4.85 1.34 11.18
C VAL A 154 -4.00 2.57 11.46
N LEU A 155 -2.82 2.37 12.07
CA LEU A 155 -1.94 3.51 12.36
C LEU A 155 -1.47 4.19 11.08
N THR A 156 -1.17 3.41 10.02
CA THR A 156 -0.69 4.03 8.78
C THR A 156 -1.80 4.85 8.13
N PHE A 157 -3.04 4.36 8.13
CA PHE A 157 -4.13 5.15 7.55
C PHE A 157 -4.45 6.37 8.41
N GLU A 158 -4.33 6.27 9.74
CA GLU A 158 -4.50 7.46 10.58
C GLU A 158 -3.49 8.54 10.18
N TYR A 159 -2.24 8.15 9.98
CA TYR A 159 -1.19 9.06 9.50
C TYR A 159 -1.53 9.63 8.11
N LEU A 160 -1.77 8.76 7.13
CA LEU A 160 -2.01 9.22 5.76
C LEU A 160 -3.24 10.13 5.68
N HIS A 161 -4.36 9.69 6.30
CA HIS A 161 -5.58 10.49 6.21
C HIS A 161 -5.42 11.86 6.87
N SER A 162 -4.60 11.95 7.92
CA SER A 162 -4.40 13.24 8.58
C SER A 162 -3.66 14.22 7.67
N LEU A 163 -2.93 13.71 6.68
CA LEU A 163 -2.25 14.51 5.67
C LEU A 163 -3.12 14.78 4.46
N ASP A 164 -4.41 14.40 4.53
CA ASP A 164 -5.36 14.52 3.41
C ASP A 164 -5.02 13.56 2.26
N LEU A 165 -4.35 12.45 2.55
CA LEU A 165 -3.98 11.46 1.53
C LEU A 165 -4.91 10.27 1.58
N ILE A 166 -5.45 9.88 0.42
N ILE A 166 -5.32 9.80 0.39
CA ILE A 166 -6.15 8.60 0.30
CA ILE A 166 -6.16 8.62 0.20
C ILE A 166 -5.19 7.62 -0.36
C ILE A 166 -5.31 7.56 -0.50
N TYR A 167 -5.21 6.36 0.10
CA TYR A 167 -4.24 5.37 -0.39
C TYR A 167 -4.76 4.59 -1.59
N ARG A 168 -5.93 3.97 -1.47
CA ARG A 168 -6.65 3.39 -2.61
C ARG A 168 -6.02 2.14 -3.24
N ASP A 169 -5.08 1.47 -2.59
CA ASP A 169 -4.54 0.27 -3.22
C ASP A 169 -4.24 -0.82 -2.18
N LEU A 170 -4.99 -0.88 -1.08
CA LEU A 170 -4.72 -1.88 -0.07
C LEU A 170 -5.04 -3.29 -0.59
N LYS A 171 -4.08 -4.22 -0.45
CA LYS A 171 -4.26 -5.64 -0.74
C LYS A 171 -3.00 -6.37 -0.30
N PRO A 172 -3.07 -7.70 -0.09
CA PRO A 172 -1.92 -8.43 0.47
C PRO A 172 -0.66 -8.34 -0.37
N GLU A 173 -0.78 -8.21 -1.71
CA GLU A 173 0.42 -8.12 -2.53
C GLU A 173 1.17 -6.80 -2.34
N ASN A 174 0.53 -5.79 -1.76
CA ASN A 174 1.14 -4.49 -1.56
C ASN A 174 1.61 -4.28 -0.13
N LEU A 175 1.71 -5.34 0.67
CA LEU A 175 2.22 -5.23 2.02
C LEU A 175 3.44 -6.14 2.09
N LEU A 176 4.61 -5.57 2.33
CA LEU A 176 5.83 -6.37 2.41
C LEU A 176 6.18 -6.61 3.87
N ILE A 177 6.85 -7.73 4.14
N ILE A 177 6.84 -7.75 4.14
CA ILE A 177 7.22 -8.13 5.49
CA ILE A 177 7.21 -8.11 5.50
C ILE A 177 8.72 -7.92 5.68
C ILE A 177 8.71 -7.92 5.69
N ASP A 178 9.09 -7.12 6.68
CA ASP A 178 10.50 -6.78 6.87
C ASP A 178 11.23 -7.78 7.77
N GLN A 179 12.51 -7.47 8.02
CA GLN A 179 13.35 -8.40 8.77
C GLN A 179 12.91 -8.57 10.22
N GLN A 180 12.11 -7.64 10.75
CA GLN A 180 11.56 -7.75 12.09
CA GLN A 180 11.56 -7.79 12.10
C GLN A 180 10.14 -8.34 12.10
N GLY A 181 9.60 -8.71 10.94
CA GLY A 181 8.24 -9.20 10.84
C GLY A 181 7.17 -8.12 10.79
N TYR A 182 7.55 -6.84 10.66
CA TYR A 182 6.61 -5.75 10.54
C TYR A 182 6.29 -5.47 9.07
N ILE A 183 5.17 -4.75 8.85
CA ILE A 183 4.68 -4.41 7.51
C ILE A 183 5.37 -3.15 6.97
N GLN A 184 5.59 -3.16 5.65
CA GLN A 184 5.90 -1.95 4.89
C GLN A 184 4.90 -1.85 3.76
N VAL A 185 4.12 -0.78 3.74
CA VAL A 185 3.12 -0.56 2.67
C VAL A 185 3.86 -0.01 1.47
N THR A 186 3.63 -0.62 0.31
CA THR A 186 4.24 -0.21 -0.94
C THR A 186 3.15 0.07 -1.97
N ASP A 187 3.57 0.64 -3.10
CA ASP A 187 2.70 0.97 -4.24
C ASP A 187 1.76 2.13 -3.96
N PHE A 188 2.29 3.34 -4.12
CA PHE A 188 1.51 4.56 -4.03
C PHE A 188 1.00 5.04 -5.39
N GLY A 189 0.87 4.11 -6.35
CA GLY A 189 0.46 4.45 -7.71
C GLY A 189 -0.94 5.03 -7.83
N PHE A 190 -1.82 4.83 -6.84
CA PHE A 190 -3.15 5.42 -6.83
C PHE A 190 -3.33 6.40 -5.68
N ALA A 191 -2.29 6.67 -4.88
CA ALA A 191 -2.44 7.57 -3.75
C ALA A 191 -2.62 9.00 -4.23
N LYS A 192 -3.42 9.79 -3.50
CA LYS A 192 -3.75 11.13 -3.95
C LYS A 192 -4.00 12.04 -2.77
N ARG A 193 -3.58 13.30 -2.89
CA ARG A 193 -3.95 14.30 -1.89
C ARG A 193 -5.30 14.90 -2.25
N VAL A 194 -6.28 14.73 -1.37
CA VAL A 194 -7.68 14.99 -1.63
C VAL A 194 -8.24 15.65 -0.37
N LYS A 195 -8.67 16.90 -0.47
CA LYS A 195 -9.56 17.48 0.52
C LYS A 195 -10.96 17.38 -0.06
N GLY A 196 -11.76 16.50 0.50
CA GLY A 196 -13.11 16.29 0.01
C GLY A 196 -13.22 14.99 -0.73
N ARG A 197 -13.87 15.00 -1.88
N ARG A 197 -13.85 15.03 -1.90
CA ARG A 197 -14.13 13.79 -2.63
CA ARG A 197 -14.17 13.86 -2.70
C ARG A 197 -13.31 13.72 -3.91
C ARG A 197 -13.17 13.71 -3.86
N THR A 198 -13.17 12.51 -4.43
CA THR A 198 -12.46 12.24 -5.67
C THR A 198 -13.28 11.21 -6.45
N TRP A 199 -12.96 11.03 -7.73
CA TRP A 199 -13.86 10.30 -8.64
C TRP A 199 -13.25 9.16 -9.48
N TPO A 200 -11.94 8.98 -9.44
CA TPO A 200 -11.32 8.03 -10.39
CB TPO A 200 -9.79 8.21 -10.48
CG2 TPO A 200 -9.22 7.51 -11.70
OG1 TPO A 200 -9.47 9.56 -10.73
P TPO A 200 -8.71 10.41 -9.50
O1P TPO A 200 -7.35 9.74 -9.39
O2P TPO A 200 -8.70 11.86 -9.91
O3P TPO A 200 -9.58 10.18 -8.27
C TPO A 200 -11.64 6.59 -10.03
O TPO A 200 -11.46 6.16 -8.87
N LEU A 201 -12.01 5.80 -11.03
CA LEU A 201 -12.15 4.37 -10.86
C LEU A 201 -10.76 3.74 -10.89
N CYS A 202 -10.31 3.25 -9.75
CA CYS A 202 -9.02 2.58 -9.67
C CYS A 202 -9.01 1.68 -8.46
N GLY A 203 -8.16 0.67 -8.52
CA GLY A 203 -8.01 -0.33 -7.48
C GLY A 203 -8.34 -1.72 -7.99
N THR A 204 -8.10 -2.68 -7.13
CA THR A 204 -8.33 -4.07 -7.50
C THR A 204 -9.77 -4.46 -7.16
N PRO A 205 -10.45 -5.19 -8.05
CA PRO A 205 -11.88 -5.44 -7.85
C PRO A 205 -12.28 -5.92 -6.46
N GLU A 206 -11.59 -6.91 -5.91
CA GLU A 206 -12.01 -7.51 -4.66
C GLU A 206 -12.01 -6.51 -3.50
N TYR A 207 -11.24 -5.42 -3.61
CA TYR A 207 -11.04 -4.46 -2.52
C TYR A 207 -11.81 -3.16 -2.70
N LEU A 208 -12.55 -2.99 -3.80
CA LEU A 208 -13.26 -1.74 -4.06
C LEU A 208 -14.49 -1.56 -3.17
N ALA A 209 -14.62 -0.35 -2.61
CA ALA A 209 -15.82 -0.01 -1.85
C ALA A 209 -17.01 0.17 -2.81
N PRO A 210 -18.24 -0.02 -2.31
CA PRO A 210 -19.42 0.14 -3.18
C PRO A 210 -19.49 1.50 -3.85
N GLU A 211 -19.13 2.58 -3.14
CA GLU A 211 -19.24 3.89 -3.75
C GLU A 211 -18.28 4.09 -4.92
N ILE A 212 -17.17 3.34 -4.96
CA ILE A 212 -16.32 3.38 -6.16
C ILE A 212 -17.02 2.67 -7.32
N ILE A 213 -17.54 1.47 -7.06
CA ILE A 213 -18.20 0.70 -8.10
C ILE A 213 -19.38 1.46 -8.69
N LEU A 214 -20.09 2.24 -7.86
CA LEU A 214 -21.27 2.98 -8.29
C LEU A 214 -20.93 4.36 -8.85
N SER A 215 -19.64 4.65 -9.07
CA SER A 215 -19.24 5.87 -9.78
C SER A 215 -19.60 7.14 -9.02
N LYS A 216 -19.59 7.08 -7.69
CA LYS A 216 -19.86 8.25 -6.88
C LYS A 216 -18.57 9.03 -6.61
N GLY A 217 -18.73 10.28 -6.18
CA GLY A 217 -17.65 10.98 -5.52
C GLY A 217 -17.39 10.35 -4.16
N TYR A 218 -16.18 9.88 -3.92
CA TYR A 218 -15.88 9.13 -2.71
C TYR A 218 -14.73 9.76 -1.93
N ASN A 219 -14.51 9.28 -0.71
CA ASN A 219 -13.54 9.91 0.18
C ASN A 219 -12.73 8.83 0.88
N LYS A 220 -12.04 9.21 1.97
CA LYS A 220 -11.12 8.33 2.67
C LYS A 220 -11.82 7.10 3.27
N ALA A 221 -13.16 7.13 3.37
CA ALA A 221 -13.89 5.95 3.84
C ALA A 221 -13.62 4.71 2.99
N VAL A 222 -13.19 4.86 1.73
CA VAL A 222 -12.90 3.66 0.91
C VAL A 222 -11.71 2.89 1.44
N ASP A 223 -10.75 3.57 2.09
CA ASP A 223 -9.60 2.88 2.69
C ASP A 223 -10.04 2.03 3.89
N TRP A 224 -11.02 2.52 4.67
CA TRP A 224 -11.51 1.75 5.82
C TRP A 224 -12.32 0.52 5.36
N TRP A 225 -13.10 0.65 4.27
CA TRP A 225 -13.73 -0.52 3.64
C TRP A 225 -12.66 -1.54 3.24
N ALA A 226 -11.61 -1.08 2.54
CA ALA A 226 -10.54 -1.99 2.12
C ALA A 226 -9.86 -2.67 3.30
N LEU A 227 -9.74 -1.97 4.44
CA LEU A 227 -9.21 -2.62 5.64
C LEU A 227 -10.09 -3.78 6.08
N GLY A 228 -11.43 -3.60 6.03
CA GLY A 228 -12.34 -4.71 6.31
C GLY A 228 -12.10 -5.91 5.41
N VAL A 229 -11.95 -5.67 4.09
CA VAL A 229 -11.65 -6.77 3.17
C VAL A 229 -10.35 -7.46 3.55
N LEU A 230 -9.31 -6.68 3.85
CA LEU A 230 -7.99 -7.23 4.19
C LEU A 230 -8.07 -8.07 5.46
N ILE A 231 -8.73 -7.58 6.51
CA ILE A 231 -8.82 -8.35 7.74
C ILE A 231 -9.57 -9.65 7.50
N TYR A 232 -10.69 -9.58 6.76
CA TYR A 232 -11.42 -10.81 6.44
C TYR A 232 -10.51 -11.79 5.68
N GLU A 233 -9.81 -11.32 4.65
CA GLU A 233 -8.94 -12.20 3.88
C GLU A 233 -7.82 -12.81 4.73
N MET A 234 -7.18 -12.00 5.59
CA MET A 234 -6.14 -12.54 6.45
C MET A 234 -6.67 -13.65 7.36
N ALA A 235 -7.86 -13.44 7.94
CA ALA A 235 -8.39 -14.37 8.93
C ALA A 235 -9.09 -15.59 8.32
N ALA A 236 -9.64 -15.46 7.11
CA ALA A 236 -10.32 -16.56 6.43
C ALA A 236 -9.43 -17.31 5.45
N GLY A 237 -8.48 -16.61 4.81
CA GLY A 237 -7.66 -17.16 3.74
C GLY A 237 -8.14 -16.82 2.36
N TYR A 238 -9.30 -16.17 2.22
CA TYR A 238 -9.88 -15.76 0.95
C TYR A 238 -10.68 -14.49 1.20
N PRO A 239 -10.91 -13.68 0.18
CA PRO A 239 -11.63 -12.40 0.38
C PRO A 239 -13.14 -12.61 0.47
N PRO A 240 -13.86 -11.65 1.05
CA PRO A 240 -15.30 -11.85 1.31
C PRO A 240 -16.16 -11.81 0.07
N PHE A 241 -15.71 -11.13 -0.99
CA PHE A 241 -16.43 -11.00 -2.26
C PHE A 241 -15.53 -11.59 -3.35
N PHE A 242 -15.84 -12.80 -3.73
CA PHE A 242 -15.02 -13.59 -4.62
C PHE A 242 -15.91 -14.06 -5.75
N ALA A 243 -15.43 -13.96 -6.98
CA ALA A 243 -16.12 -14.56 -8.12
C ALA A 243 -15.17 -14.59 -9.30
N ASP A 244 -15.61 -15.27 -10.37
CA ASP A 244 -14.73 -15.53 -11.50
C ASP A 244 -14.48 -14.28 -12.35
N GLN A 245 -15.45 -13.37 -12.43
CA GLN A 245 -15.32 -12.18 -13.25
C GLN A 245 -15.63 -10.94 -12.42
N PRO A 246 -14.95 -9.82 -12.71
CA PRO A 246 -15.23 -8.58 -11.95
C PRO A 246 -16.70 -8.21 -11.83
N ILE A 247 -17.49 -8.36 -12.89
N ILE A 247 -17.48 -8.34 -12.90
CA ILE A 247 -18.88 -7.92 -12.83
CA ILE A 247 -18.90 -7.95 -12.84
C ILE A 247 -19.66 -8.68 -11.75
C ILE A 247 -19.60 -8.66 -11.69
N GLN A 248 -19.32 -9.95 -11.52
CA GLN A 248 -19.94 -10.71 -10.45
C GLN A 248 -19.41 -10.32 -9.07
N ILE A 249 -18.13 -9.95 -8.97
CA ILE A 249 -17.60 -9.44 -7.71
C ILE A 249 -18.32 -8.14 -7.34
N TYR A 250 -18.51 -7.26 -8.32
CA TYR A 250 -19.16 -5.98 -8.04
C TYR A 250 -20.58 -6.16 -7.53
N GLU A 251 -21.34 -7.12 -8.10
CA GLU A 251 -22.69 -7.38 -7.60
C GLU A 251 -22.68 -7.80 -6.13
N LYS A 252 -21.73 -8.65 -5.75
N LYS A 252 -21.72 -8.64 -5.74
CA LYS A 252 -21.66 -9.06 -4.35
CA LYS A 252 -21.64 -9.07 -4.35
C LYS A 252 -21.29 -7.89 -3.44
C LYS A 252 -21.26 -7.91 -3.43
N ILE A 253 -20.35 -7.04 -3.87
CA ILE A 253 -19.90 -5.92 -3.04
C ILE A 253 -21.07 -4.98 -2.75
N VAL A 254 -21.89 -4.65 -3.75
N VAL A 254 -21.78 -4.56 -3.80
CA VAL A 254 -22.95 -3.68 -3.52
CA VAL A 254 -22.86 -3.59 -3.68
C VAL A 254 -24.17 -4.23 -2.78
C VAL A 254 -24.00 -4.16 -2.84
N SER A 255 -24.18 -5.52 -2.42
N SER A 255 -24.26 -5.46 -2.96
CA SER A 255 -25.41 -6.15 -1.94
CA SER A 255 -25.19 -6.08 -2.01
C SER A 255 -25.70 -5.89 -0.47
C SER A 255 -24.61 -6.06 -0.60
N GLY A 256 -24.68 -5.64 0.34
N GLY A 256 -23.29 -6.21 -0.47
CA GLY A 256 -24.89 -5.49 1.77
CA GLY A 256 -22.60 -6.23 0.81
C GLY A 256 -24.93 -6.78 2.55
C GLY A 256 -22.94 -7.45 1.64
N LYS A 257 -24.51 -7.89 1.97
N LYS A 257 -23.66 -8.42 1.08
CA LYS A 257 -24.46 -9.19 2.63
CA LYS A 257 -23.93 -9.66 1.80
C LYS A 257 -23.05 -9.77 2.54
C LYS A 257 -22.63 -10.39 2.04
N VAL A 258 -22.65 -10.48 3.61
N VAL A 258 -22.26 -10.54 3.32
CA VAL A 258 -21.37 -11.18 3.70
CA VAL A 258 -21.00 -11.15 3.71
C VAL A 258 -21.62 -12.43 4.53
C VAL A 258 -21.29 -12.30 4.67
N ARG A 259 -20.82 -13.48 4.32
CA ARG A 259 -20.90 -14.67 5.16
C ARG A 259 -19.58 -14.83 5.89
N PHE A 260 -19.65 -15.06 7.20
CA PHE A 260 -18.43 -15.23 7.99
C PHE A 260 -18.20 -16.69 8.33
N PRO A 261 -16.95 -17.17 8.26
CA PRO A 261 -16.67 -18.54 8.74
C PRO A 261 -17.03 -18.67 10.21
N SER A 262 -17.47 -19.87 10.61
N SER A 262 -17.46 -19.87 10.59
CA SER A 262 -17.85 -20.06 12.01
CA SER A 262 -17.83 -20.13 11.98
C SER A 262 -16.66 -19.92 12.95
C SER A 262 -16.66 -19.88 12.93
N HIS A 263 -15.42 -20.11 12.46
CA HIS A 263 -14.28 -19.94 13.35
C HIS A 263 -13.99 -18.50 13.71
N PHE A 264 -14.58 -17.51 13.00
CA PHE A 264 -14.36 -16.10 13.39
C PHE A 264 -14.94 -15.86 14.77
N SER A 265 -14.22 -15.10 15.59
CA SER A 265 -14.78 -14.68 16.87
C SER A 265 -15.94 -13.71 16.67
N SER A 266 -16.80 -13.61 17.70
N SER A 266 -16.79 -13.61 17.69
CA SER A 266 -17.90 -12.63 17.62
CA SER A 266 -17.89 -12.64 17.65
C SER A 266 -17.37 -11.21 17.54
C SER A 266 -17.36 -11.21 17.53
N ASP A 267 -16.27 -10.90 18.24
CA ASP A 267 -15.68 -9.56 18.15
C ASP A 267 -15.18 -9.26 16.73
N LEU A 268 -14.57 -10.24 16.06
CA LEU A 268 -14.11 -10.02 14.69
C LEU A 268 -15.30 -9.76 13.76
N LYS A 269 -16.36 -10.59 13.87
CA LYS A 269 -17.53 -10.38 13.02
C LYS A 269 -18.13 -8.99 13.23
N ASP A 270 -18.18 -8.52 14.49
CA ASP A 270 -18.74 -7.21 14.75
C ASP A 270 -17.89 -6.11 14.10
N LEU A 271 -16.57 -6.17 14.28
CA LEU A 271 -15.71 -5.18 13.62
C LEU A 271 -15.92 -5.18 12.11
N LEU A 272 -15.96 -6.37 11.49
CA LEU A 272 -16.09 -6.46 10.05
C LEU A 272 -17.45 -5.96 9.56
N ARG A 273 -18.55 -6.17 10.30
CA ARG A 273 -19.83 -5.61 9.85
C ARG A 273 -19.78 -4.09 9.81
N ASN A 274 -18.99 -3.47 10.69
CA ASN A 274 -18.86 -2.02 10.76
C ASN A 274 -17.85 -1.43 9.77
N LEU A 275 -16.83 -2.20 9.36
CA LEU A 275 -15.95 -1.76 8.27
C LEU A 275 -16.54 -2.04 6.90
N LEU A 276 -17.15 -3.21 6.71
CA LEU A 276 -17.82 -3.60 5.47
C LEU A 276 -19.26 -3.12 5.45
N GLN A 277 -19.44 -1.89 5.87
CA GLN A 277 -20.73 -1.22 5.88
C GLN A 277 -20.92 -0.52 4.53
N VAL A 278 -21.97 -0.91 3.80
N VAL A 278 -21.95 -0.94 3.79
CA VAL A 278 -22.16 -0.38 2.45
CA VAL A 278 -22.19 -0.39 2.47
C VAL A 278 -22.55 1.09 2.46
C VAL A 278 -22.41 1.12 2.53
N ASP A 279 -23.18 1.57 3.53
CA ASP A 279 -23.53 2.99 3.65
C ASP A 279 -22.31 3.71 4.24
N LEU A 280 -21.63 4.52 3.42
CA LEU A 280 -20.39 5.14 3.87
C LEU A 280 -20.57 6.06 5.07
N THR A 281 -21.79 6.60 5.28
CA THR A 281 -22.04 7.52 6.39
C THR A 281 -22.17 6.77 7.71
N LYS A 282 -22.19 5.44 7.69
N LYS A 282 -22.21 5.44 7.69
CA LYS A 282 -22.28 4.60 8.88
CA LYS A 282 -22.30 4.61 8.88
C LYS A 282 -21.01 3.81 9.14
C LYS A 282 -21.07 3.71 9.05
N ARG A 283 -20.04 3.88 8.24
CA ARG A 283 -18.86 3.01 8.27
C ARG A 283 -17.83 3.46 9.31
N PHE A 284 -17.32 2.50 10.09
CA PHE A 284 -16.24 2.80 11.03
C PHE A 284 -15.05 3.42 10.30
N GLY A 285 -14.42 4.37 10.98
CA GLY A 285 -13.40 5.19 10.39
C GLY A 285 -13.94 6.49 9.85
N ASN A 286 -15.24 6.55 9.56
CA ASN A 286 -15.88 7.70 8.93
C ASN A 286 -16.97 8.31 9.80
N LEU A 287 -16.99 7.99 11.10
CA LEU A 287 -17.93 8.58 12.03
C LEU A 287 -17.27 9.71 12.82
N LYS A 288 -18.02 10.31 13.75
N LYS A 288 -18.03 10.29 13.75
CA LYS A 288 -17.55 11.52 14.41
CA LYS A 288 -17.53 11.43 14.52
C LYS A 288 -16.28 11.29 15.22
C LYS A 288 -16.22 11.12 15.23
N ASN A 289 -16.07 10.07 15.72
N ASN A 289 -16.09 9.91 15.81
CA ASN A 289 -14.87 9.76 16.49
CA ASN A 289 -14.90 9.52 16.55
C ASN A 289 -13.77 9.18 15.62
C ASN A 289 -13.76 9.10 15.63
N GLY A 290 -13.96 9.10 14.31
CA GLY A 290 -12.88 8.76 13.40
C GLY A 290 -12.24 7.42 13.69
N VAL A 291 -10.90 7.41 13.64
CA VAL A 291 -10.17 6.16 13.82
C VAL A 291 -10.37 5.57 15.22
N ASN A 292 -10.78 6.38 16.19
CA ASN A 292 -10.89 5.84 17.54
C ASN A 292 -12.02 4.82 17.69
N ASP A 293 -13.04 4.85 16.82
CA ASP A 293 -14.04 3.76 16.87
C ASP A 293 -13.39 2.42 16.53
N ILE A 294 -12.36 2.42 15.70
CA ILE A 294 -11.62 1.20 15.38
C ILE A 294 -10.64 0.86 16.50
N LYS A 295 -9.83 1.82 16.95
CA LYS A 295 -8.81 1.51 17.96
C LYS A 295 -9.42 1.00 19.26
N ASN A 296 -10.63 1.48 19.61
CA ASN A 296 -11.29 1.14 20.86
C ASN A 296 -12.24 -0.02 20.71
N HIS A 297 -12.34 -0.62 19.52
CA HIS A 297 -13.21 -1.77 19.35
C HIS A 297 -12.68 -2.97 20.13
N LYS A 298 -13.63 -3.78 20.65
CA LYS A 298 -13.25 -4.97 21.42
C LYS A 298 -12.25 -5.89 20.71
N TRP A 299 -12.31 -6.01 19.38
CA TRP A 299 -11.36 -6.92 18.73
C TRP A 299 -9.93 -6.46 18.96
N PHE A 300 -9.71 -5.16 19.16
CA PHE A 300 -8.39 -4.60 19.40
C PHE A 300 -8.07 -4.42 20.88
N ALA A 301 -8.84 -5.03 21.80
CA ALA A 301 -8.65 -4.73 23.23
C ALA A 301 -7.26 -5.10 23.73
N THR A 302 -6.64 -6.12 23.14
CA THR A 302 -5.29 -6.54 23.55
C THR A 302 -4.16 -5.77 22.84
N THR A 303 -4.50 -4.85 21.93
CA THR A 303 -3.47 -4.19 21.12
C THR A 303 -2.85 -3.02 21.88
N ASP A 304 -1.53 -3.04 22.00
CA ASP A 304 -0.76 -1.95 22.62
C ASP A 304 -0.36 -1.02 21.46
N TRP A 305 -1.21 -0.01 21.19
CA TRP A 305 -1.01 0.87 20.04
C TRP A 305 0.34 1.56 20.07
N ILE A 306 0.76 2.04 21.24
CA ILE A 306 2.06 2.71 21.37
C ILE A 306 3.20 1.75 21.07
N ALA A 307 3.15 0.54 21.64
CA ALA A 307 4.23 -0.42 21.43
C ALA A 307 4.33 -0.88 19.99
N ILE A 308 3.19 -1.01 19.29
CA ILE A 308 3.22 -1.32 17.85
C ILE A 308 3.94 -0.21 17.08
N TYR A 309 3.53 1.03 17.31
CA TYR A 309 4.19 2.16 16.64
C TYR A 309 5.69 2.16 16.89
N GLN A 310 6.12 1.91 18.14
CA GLN A 310 7.52 1.88 18.52
C GLN A 310 8.25 0.60 18.11
N ARG A 311 7.55 -0.35 17.49
CA ARG A 311 8.13 -1.61 17.03
C ARG A 311 8.72 -2.42 18.19
N LYS A 312 8.02 -2.40 19.33
CA LYS A 312 8.46 -3.10 20.53
C LYS A 312 7.73 -4.42 20.76
N VAL A 313 6.73 -4.73 19.94
CA VAL A 313 5.98 -5.97 20.05
C VAL A 313 6.70 -7.05 19.25
N GLU A 314 6.87 -8.23 19.84
CA GLU A 314 7.45 -9.34 19.08
C GLU A 314 6.49 -9.77 17.98
N ALA A 315 6.99 -9.85 16.74
CA ALA A 315 6.13 -10.19 15.62
C ALA A 315 5.74 -11.67 15.65
N PRO A 316 4.58 -12.02 15.09
CA PRO A 316 4.17 -13.43 15.07
C PRO A 316 5.04 -14.28 14.17
N PHE A 317 5.80 -13.69 13.26
CA PHE A 317 6.41 -14.44 12.19
C PHE A 317 7.58 -13.61 11.64
N ILE A 318 8.75 -14.20 11.56
CA ILE A 318 9.92 -13.57 10.96
C ILE A 318 10.21 -14.31 9.65
N PRO A 319 10.20 -13.63 8.51
N PRO A 319 10.22 -13.62 8.50
CA PRO A 319 10.42 -14.33 7.25
CA PRO A 319 10.52 -14.32 7.24
C PRO A 319 11.85 -14.85 7.15
C PRO A 319 11.90 -14.95 7.24
N LYS A 320 11.99 -16.01 6.54
N LYS A 320 12.05 -15.97 6.40
CA LYS A 320 13.30 -16.60 6.36
CA LYS A 320 13.31 -16.72 6.25
C LYS A 320 13.97 -16.00 5.12
C LYS A 320 14.06 -16.18 5.05
N PHE A 321 15.21 -15.55 5.29
CA PHE A 321 16.03 -15.02 4.21
C PHE A 321 17.47 -14.97 4.69
N LYS A 322 18.40 -14.94 3.75
CA LYS A 322 19.81 -15.12 4.11
C LYS A 322 20.55 -13.80 4.31
N GLY A 323 20.04 -12.69 3.80
CA GLY A 323 20.73 -11.42 3.87
C GLY A 323 20.03 -10.41 3.00
N PRO A 324 20.54 -9.18 2.96
CA PRO A 324 19.81 -8.08 2.30
C PRO A 324 19.77 -8.22 0.78
N GLY A 325 20.55 -9.12 0.21
CA GLY A 325 20.52 -9.39 -1.21
C GLY A 325 19.73 -10.61 -1.60
N ASP A 326 19.14 -11.31 -0.64
CA ASP A 326 18.41 -12.53 -0.92
C ASP A 326 17.09 -12.20 -1.61
N THR A 327 16.82 -12.86 -2.74
CA THR A 327 15.58 -12.71 -3.48
C THR A 327 14.65 -13.92 -3.38
N SER A 328 14.93 -14.86 -2.48
N SER A 328 14.93 -14.87 -2.49
CA SER A 328 14.19 -16.12 -2.42
CA SER A 328 14.18 -16.13 -2.46
C SER A 328 12.70 -15.94 -2.15
C SER A 328 12.70 -15.96 -2.11
N ASN A 329 12.32 -14.85 -1.47
CA ASN A 329 10.91 -14.65 -1.11
C ASN A 329 10.10 -13.98 -2.21
N PHE A 330 10.75 -13.62 -3.32
CA PHE A 330 10.10 -13.10 -4.52
C PHE A 330 10.22 -14.15 -5.61
N ASP A 331 9.32 -14.09 -6.58
CA ASP A 331 9.25 -15.13 -7.58
C ASP A 331 9.97 -14.71 -8.87
N ASP A 332 9.99 -15.62 -9.85
CA ASP A 332 10.85 -15.49 -11.02
C ASP A 332 10.08 -14.93 -12.21
N TYR A 333 10.66 -13.92 -12.85
CA TYR A 333 10.04 -13.23 -13.96
C TYR A 333 11.03 -13.24 -15.12
N GLU A 334 10.50 -13.21 -16.34
CA GLU A 334 11.36 -13.07 -17.50
C GLU A 334 12.24 -11.83 -17.39
N GLU A 335 13.52 -11.98 -17.67
CA GLU A 335 14.47 -10.88 -17.55
C GLU A 335 14.59 -10.13 -18.87
N GLU A 336 14.18 -8.85 -18.90
CA GLU A 336 14.22 -8.00 -20.08
C GLU A 336 15.16 -6.79 -19.92
N GLU A 337 15.55 -6.22 -21.06
N GLU A 337 15.55 -6.21 -21.04
CA GLU A 337 16.43 -5.05 -21.13
CA GLU A 337 16.51 -5.10 -21.00
C GLU A 337 15.81 -3.83 -20.45
C GLU A 337 15.85 -3.81 -20.51
N ILE A 338 16.67 -2.93 -19.95
CA ILE A 338 16.28 -1.56 -19.57
C ILE A 338 16.87 -0.65 -20.62
N ARG A 339 16.07 -0.31 -21.63
CA ARG A 339 16.54 0.49 -22.74
C ARG A 339 16.32 1.97 -22.47
N VAL A 340 17.29 2.79 -22.87
CA VAL A 340 17.16 4.23 -22.75
C VAL A 340 17.38 4.85 -24.13
N SEP A 341 16.33 5.45 -24.68
CA SEP A 341 16.39 6.02 -26.02
CB SEP A 341 15.02 6.54 -26.45
OG SEP A 341 15.08 7.22 -27.70
C SEP A 341 17.44 7.11 -26.14
O SEP A 341 17.78 7.79 -25.15
P SEP A 341 14.95 6.28 -29.01
O1P SEP A 341 14.30 7.13 -30.20
O2P SEP A 341 16.42 5.74 -29.31
O3P SEP A 341 14.03 5.00 -28.67
N ILE A 342 17.95 7.27 -27.35
N ILE A 342 17.96 7.30 -27.34
CA ILE A 342 18.88 8.34 -27.68
CA ILE A 342 18.90 8.38 -27.60
C ILE A 342 18.16 9.70 -27.68
C ILE A 342 18.16 9.71 -27.79
N ASN A 343 16.85 9.69 -27.92
N ASN A 343 16.83 9.64 -27.78
CA ASN A 343 16.03 10.89 -27.94
CA ASN A 343 15.97 10.81 -27.93
C ASN A 343 15.09 10.92 -26.74
C ASN A 343 15.02 10.91 -26.74
N GLU A 344 14.79 12.14 -26.27
CA GLU A 344 13.92 12.33 -25.11
C GLU A 344 12.46 12.08 -25.47
N LYS A 345 11.76 11.33 -24.64
CA LYS A 345 10.34 11.04 -24.84
C LYS A 345 9.55 11.72 -23.74
N CYS A 346 8.45 12.38 -24.11
CA CYS A 346 7.45 12.87 -23.14
C CYS A 346 8.05 13.81 -22.08
N GLY A 347 9.02 14.63 -22.48
CA GLY A 347 9.68 15.48 -21.50
C GLY A 347 8.73 16.48 -20.85
N LYS A 348 7.84 17.08 -21.66
N LYS A 348 7.84 17.07 -21.66
CA LYS A 348 6.91 18.07 -21.15
CA LYS A 348 6.91 18.07 -21.15
C LYS A 348 6.00 17.46 -20.07
C LYS A 348 5.98 17.48 -20.08
N GLU A 349 5.40 16.31 -20.38
CA GLU A 349 4.46 15.69 -19.46
C GLU A 349 5.08 15.39 -18.08
N PHE A 350 6.37 15.05 -18.03
CA PHE A 350 7.00 14.66 -16.78
C PHE A 350 7.96 15.71 -16.23
N THR A 351 7.76 16.99 -16.60
CA THR A 351 8.69 18.04 -16.19
C THR A 351 8.88 18.09 -14.68
N GLU A 352 7.80 17.91 -13.91
CA GLU A 352 7.91 18.05 -12.46
C GLU A 352 8.52 16.83 -11.77
N PHE A 353 8.68 15.71 -12.48
CA PHE A 353 9.16 14.50 -11.80
C PHE A 353 10.65 14.67 -11.44
C1 PEG B . -9.40 12.89 -13.17
O1 PEG B . -8.24 13.11 -12.40
C2 PEG B . -9.06 12.27 -14.50
O2 PEG B . -8.75 10.92 -14.32
C3 PEG B . -7.57 10.53 -15.00
C4 PEG B . -6.73 9.64 -14.12
O4 PEG B . -5.94 10.43 -13.27
C10 A1JE2 C . 5.05 -6.71 -7.34
C11 A1JE2 C . 4.45 -5.91 -6.15
C01 A1JE2 C . 10.43 -2.09 -1.50
C02 A1JE2 C . 10.56 -3.47 -2.14
C03 A1JE2 C . 9.04 -2.66 -3.94
C04 A1JE2 C . 7.70 -3.16 -4.53
C05 A1JE2 C . 8.54 -5.48 -4.47
C06 A1JE2 C . 9.92 -5.03 -3.93
C07 A1JE2 C . 6.75 -4.85 -6.09
C08 A1JE2 C . 7.09 -5.81 -7.25
C09 A1JE2 C . 5.22 -5.83 -8.57
C12 A1JE2 C . 5.62 -5.49 -5.23
N01 A1JE2 C . 9.83 -3.71 -3.29
N02 A1JE2 C . 7.92 -4.41 -5.30
N03 A1JE2 C . 3.43 -6.69 -5.38
O01 A1JE2 C . 11.25 -4.36 -1.63
O02 A1JE2 C . 6.53 -5.28 -8.46
O03 A1JE2 C . 6.43 -7.05 -7.01
O04 A1JE2 C . 5.12 -4.62 -4.20
C10 A1JE2 D . 15.99 -13.76 -23.06
C11 A1JE2 D . 14.81 -13.67 -22.07
C01 A1JE2 D . 9.21 -16.82 -27.00
C02 A1JE2 D . 9.25 -16.51 -25.52
C03 A1JE2 D . 11.71 -16.00 -25.85
C04 A1JE2 D . 13.03 -16.29 -25.12
C05 A1JE2 D . 11.83 -16.50 -23.02
C06 A1JE2 D . 10.59 -15.82 -23.62
C07 A1JE2 D . 14.26 -16.09 -22.94
C08 A1JE2 D . 15.53 -15.83 -23.77
C09 A1JE2 D . 17.10 -14.66 -22.59
C12 A1JE2 D . 14.24 -15.09 -21.74
N01 A1JE2 D . 10.48 -16.14 -25.03
N02 A1JE2 D . 13.00 -15.91 -23.69
N03 A1JE2 D . 13.75 -12.84 -22.69
O01 A1JE2 D . 8.23 -16.59 -24.83
O02 A1JE2 D . 16.65 -15.99 -22.89
O03 A1JE2 D . 15.48 -14.46 -24.21
O04 A1JE2 D . 14.96 -15.63 -20.60
S DMS E . 0.53 16.48 -7.90
O DMS E . 1.72 17.38 -8.16
C1 DMS E . -0.93 17.54 -7.88
C2 DMS E . 0.21 15.63 -9.45
S DMS F . 22.53 13.16 -9.27
O DMS F . 23.23 14.50 -9.17
C1 DMS F . 22.32 12.80 -11.02
C2 DMS F . 23.78 11.91 -8.93
S DMS G . 0.37 7.28 16.79
O DMS G . 1.24 7.28 18.03
C1 DMS G . 1.50 7.33 15.41
C2 DMS G . -0.32 8.94 16.63
S DMS H . 11.91 -18.93 0.83
O DMS H . 11.67 -19.26 -0.62
C1 DMS H . 13.24 -20.01 1.39
C2 DMS H . 10.57 -19.72 1.74
#